data_7B4X
#
_entry.id   7B4X
#
_cell.length_a   59.193
_cell.length_b   72.995
_cell.length_c   77.730
_cell.angle_alpha   90.000
_cell.angle_beta   90.000
_cell.angle_gamma   90.000
#
_symmetry.space_group_name_H-M   'P 21 21 21'
#
loop_
_entity.id
_entity.type
_entity.pdbx_description
1 polymer 'Palmitoleoyl-protein carboxylesterase NOTUM'
2 non-polymer 'SULFATE ION'
3 non-polymer 'DIMETHYL SULFOXIDE'
4 non-polymer 1,2-ETHANEDIOL
5 non-polymer 6-(4-methylphenyl)sulfanyl-2~{H}-[1,2,4]triazolo[4,3-b]pyridazin-3-one
6 water water
#
_entity_poly.entity_id   1
_entity_poly.type   'polypeptide(L)'
_entity_poly.pdbx_seq_one_letter_code
;ETGSAQQLNEDLRLHLLLNTSVTCNDGSPAGYYLKESRGSRRWLLFLEGGWYCFNRENCDSRYDTMRRLMSSRDWPRTRT
GTGILSSQPEENPYWWNANMVFIPYCSSDVWSGASSKSEKNEYAFMGALIIQEVVRELLGRGLSGAKVLLLAGSSAGGTG
VLLNVDRVAEQLEKLGYPAIQVRGLADSGWFLDNKQYRHTDCVDTITCAPTEAIRRGIRYWNGVVPERCRRQFQEGEEWN
CFFGYKVYPTLRSPVFVVQWLFDEAQLTVDNVHLTGQPVQEGLRLYIQNLGRELRHTLKDVPASFAPACLSHEIIIRSHW
TDVQVKGTSLPRALHCWDRSLHDSHKASKTPLKGCPVHLVDSCPWPHCNPSCPTGTKHHHHHH
;
_entity_poly.pdbx_strand_id   A
#
loop_
_chem_comp.id
_chem_comp.type
_chem_comp.name
_chem_comp.formula
DMS non-polymer 'DIMETHYL SULFOXIDE' 'C2 H6 O S'
EDO non-polymer 1,2-ETHANEDIOL 'C2 H6 O2'
SO4 non-polymer 'SULFATE ION' 'O4 S -2'
SWT non-polymer 6-(4-methylphenyl)sulfanyl-2~{H}-[1,2,4]triazolo[4,3-b]pyridazin-3-one 'C12 H10 N4 O S'
#
# COMPACT_ATOMS: atom_id res chain seq x y z
N ASP A 11 -4.63 -14.79 -15.82
CA ASP A 11 -5.54 -13.66 -15.73
C ASP A 11 -6.42 -13.71 -14.48
N LEU A 12 -6.65 -12.53 -13.90
CA LEU A 12 -7.58 -12.36 -12.79
C LEU A 12 -8.88 -11.80 -13.36
N ARG A 13 -10.02 -12.33 -12.91
CA ARG A 13 -11.31 -11.97 -13.48
C ARG A 13 -12.03 -10.96 -12.59
N LEU A 14 -12.68 -9.99 -13.24
CA LEU A 14 -13.36 -8.92 -12.52
C LEU A 14 -14.65 -9.42 -11.89
N HIS A 15 -14.86 -9.03 -10.64
CA HIS A 15 -16.14 -9.20 -9.95
C HIS A 15 -16.54 -7.86 -9.38
N LEU A 16 -17.66 -7.31 -9.84
CA LEU A 16 -18.21 -6.11 -9.24
C LEU A 16 -18.88 -6.48 -7.92
N LEU A 17 -18.75 -5.61 -6.93
CA LEU A 17 -19.27 -5.90 -5.60
C LEU A 17 -20.78 -6.15 -5.64
N LEU A 18 -21.21 -7.21 -4.96
CA LEU A 18 -22.63 -7.54 -4.94
C LEU A 18 -23.43 -6.50 -4.17
N ASN A 19 -22.83 -5.88 -3.15
CA ASN A 19 -23.46 -4.76 -2.45
C ASN A 19 -23.11 -3.52 -3.27
N THR A 20 -24.03 -3.15 -4.17
CA THR A 20 -23.81 -2.03 -5.07
C THR A 20 -23.85 -0.67 -4.38
N SER A 21 -24.07 -0.63 -3.06
CA SER A 21 -23.97 0.61 -2.32
C SER A 21 -22.54 0.94 -1.91
N VAL A 22 -21.60 0.03 -2.11
CA VAL A 22 -20.19 0.27 -1.88
C VAL A 22 -19.60 0.62 -3.24
N THR A 23 -19.35 1.91 -3.47
CA THR A 23 -19.16 2.42 -4.81
C THR A 23 -17.80 3.11 -4.96
N CYS A 24 -17.40 3.24 -6.22
CA CYS A 24 -16.33 4.14 -6.60
C CYS A 24 -16.80 5.60 -6.44
N ASN A 25 -15.93 6.54 -6.80
CA ASN A 25 -16.22 7.95 -6.58
C ASN A 25 -17.53 8.38 -7.22
N ASP A 26 -17.81 7.91 -8.44
CA ASP A 26 -18.98 8.38 -9.18
C ASP A 26 -20.24 7.57 -8.93
N GLY A 27 -20.22 6.65 -7.96
CA GLY A 27 -21.38 5.86 -7.64
C GLY A 27 -21.47 4.53 -8.36
N SER A 28 -20.59 4.26 -9.33
CA SER A 28 -20.54 2.95 -9.95
C SER A 28 -19.99 1.95 -8.94
N PRO A 29 -20.32 0.67 -9.09
CA PRO A 29 -19.90 -0.31 -8.07
C PRO A 29 -18.40 -0.49 -8.07
N ALA A 30 -17.84 -0.64 -6.87
CA ALA A 30 -16.46 -1.07 -6.74
C ALA A 30 -16.35 -2.56 -7.08
N GLY A 31 -15.15 -3.10 -6.98
CA GLY A 31 -14.99 -4.50 -7.31
C GLY A 31 -13.59 -4.99 -7.02
N TYR A 32 -13.31 -6.18 -7.54
CA TYR A 32 -12.01 -6.82 -7.35
C TYR A 32 -11.78 -7.80 -8.49
N TYR A 33 -10.52 -8.02 -8.80
CA TYR A 33 -10.12 -9.05 -9.76
C TYR A 33 -9.58 -10.24 -8.97
N LEU A 34 -10.05 -11.43 -9.31
CA LEU A 34 -9.74 -12.63 -8.53
C LEU A 34 -9.27 -13.74 -9.45
N LYS A 35 -8.18 -14.40 -9.05
CA LYS A 35 -7.79 -15.68 -9.65
C LYS A 35 -7.62 -16.66 -8.50
N GLU A 36 -8.49 -17.65 -8.43
CA GLU A 36 -8.44 -18.62 -7.36
C GLU A 36 -7.34 -19.63 -7.62
N SER A 37 -6.69 -20.06 -6.54
CA SER A 37 -5.71 -21.14 -6.58
C SER A 37 -6.16 -22.15 -5.54
N ARG A 38 -7.07 -23.04 -5.93
CA ARG A 38 -7.58 -23.95 -4.93
C ARG A 38 -6.47 -24.91 -4.53
N GLY A 39 -6.58 -25.44 -3.33
CA GLY A 39 -5.49 -26.12 -2.68
C GLY A 39 -4.59 -25.19 -1.89
N SER A 40 -4.52 -23.91 -2.28
CA SER A 40 -3.71 -22.94 -1.55
C SER A 40 -4.56 -22.26 -0.48
N ARG A 41 -3.99 -22.13 0.71
CA ARG A 41 -4.60 -21.47 1.85
C ARG A 41 -4.11 -20.03 1.98
N ARG A 42 -3.37 -19.54 1.00
CA ARG A 42 -2.78 -18.20 1.05
C ARG A 42 -3.58 -17.28 0.14
N TRP A 43 -3.91 -16.10 0.67
CA TRP A 43 -4.71 -15.12 -0.05
C TRP A 43 -3.98 -13.79 -0.03
N LEU A 44 -3.72 -13.26 -1.22
CA LEU A 44 -3.03 -11.98 -1.39
C LEU A 44 -4.05 -10.98 -1.92
N LEU A 45 -4.33 -9.94 -1.13
CA LEU A 45 -5.24 -8.87 -1.53
C LEU A 45 -4.39 -7.62 -1.73
N PHE A 46 -4.30 -7.16 -2.98
CA PHE A 46 -3.42 -6.05 -3.34
C PHE A 46 -4.24 -4.79 -3.59
N LEU A 47 -3.84 -3.70 -2.93
CA LEU A 47 -4.49 -2.39 -3.06
C LEU A 47 -3.72 -1.56 -4.08
N GLU A 48 -4.38 -1.19 -5.17
CA GLU A 48 -3.79 -0.32 -6.17
C GLU A 48 -3.57 1.08 -5.61
N GLY A 49 -2.55 1.76 -6.12
CA GLY A 49 -2.29 3.14 -5.79
C GLY A 49 -2.76 4.09 -6.87
N GLY A 50 -2.36 5.36 -6.72
CA GLY A 50 -2.75 6.38 -7.66
C GLY A 50 -3.11 7.71 -7.03
N TRP A 51 -2.29 8.18 -6.09
CA TRP A 51 -2.50 9.46 -5.42
C TRP A 51 -3.89 9.58 -4.81
N TYR A 52 -4.55 10.73 -4.97
CA TYR A 52 -5.84 11.01 -4.35
C TYR A 52 -6.32 12.35 -4.88
N CYS A 53 -7.54 12.73 -4.49
CA CYS A 53 -8.04 14.08 -4.74
C CYS A 53 -8.71 14.58 -3.46
N PHE A 54 -8.64 15.90 -3.24
CA PHE A 54 -8.93 16.46 -1.93
C PHE A 54 -10.02 17.52 -1.91
N ASN A 55 -10.58 17.93 -3.05
CA ASN A 55 -11.70 18.85 -3.06
C ASN A 55 -12.50 18.65 -4.35
N ARG A 56 -13.60 19.39 -4.46
CA ARG A 56 -14.49 19.22 -5.61
C ARG A 56 -13.76 19.50 -6.93
N GLU A 57 -13.11 20.65 -7.02
CA GLU A 57 -12.45 21.02 -8.27
C GLU A 57 -11.31 20.07 -8.60
N ASN A 58 -10.54 19.66 -7.57
CA ASN A 58 -9.43 18.76 -7.81
C ASN A 58 -9.92 17.38 -8.21
N CYS A 59 -11.02 16.93 -7.61
CA CYS A 59 -11.61 15.64 -8.01
C CYS A 59 -12.27 15.72 -9.38
N ASP A 60 -12.86 16.86 -9.71
CA ASP A 60 -13.44 17.03 -11.05
C ASP A 60 -12.38 16.87 -12.12
N SER A 61 -11.18 17.43 -11.88
CA SER A 61 -10.11 17.30 -12.85
CA SER A 61 -10.10 17.31 -12.85
C SER A 61 -9.67 15.85 -13.01
N ARG A 62 -9.59 15.12 -11.90
CA ARG A 62 -9.22 13.71 -11.95
C ARG A 62 -10.27 12.89 -12.71
N TYR A 63 -11.50 13.38 -12.81
CA TYR A 63 -12.56 12.61 -13.47
C TYR A 63 -12.48 12.66 -15.01
N ASP A 64 -12.15 13.81 -15.61
CA ASP A 64 -11.69 13.96 -16.98
C ASP A 64 -10.59 12.97 -17.39
N THR A 65 -9.46 13.02 -16.72
CA THR A 65 -8.28 12.41 -17.27
C THR A 65 -7.75 11.21 -16.47
N MET A 66 -8.43 10.82 -15.39
CA MET A 66 -8.03 9.68 -14.58
C MET A 66 -9.27 8.91 -14.12
N ARG A 67 -10.24 8.75 -15.03
CA ARG A 67 -11.56 8.28 -14.66
C ARG A 67 -11.56 6.84 -14.14
N ARG A 68 -10.64 6.01 -14.64
CA ARG A 68 -10.58 4.64 -14.15
C ARG A 68 -10.24 4.59 -12.66
N LEU A 69 -9.59 5.62 -12.14
CA LEU A 69 -9.35 5.75 -10.70
C LEU A 69 -10.53 6.34 -9.95
N MET A 70 -11.67 6.50 -10.62
CA MET A 70 -12.84 7.10 -10.00
C MET A 70 -14.13 6.41 -10.40
N SER A 71 -14.07 5.34 -11.20
CA SER A 71 -15.25 4.74 -11.78
C SER A 71 -14.88 3.35 -12.29
N SER A 72 -15.84 2.43 -12.20
CA SER A 72 -15.68 1.10 -12.75
C SER A 72 -16.34 0.95 -14.11
N ARG A 73 -16.88 2.03 -14.66
CA ARG A 73 -17.67 1.94 -15.89
C ARG A 73 -16.86 1.42 -17.06
N ASP A 74 -15.54 1.64 -17.07
CA ASP A 74 -14.70 1.24 -18.18
C ASP A 74 -13.65 0.19 -17.80
N TRP A 75 -13.83 -0.49 -16.67
CA TRP A 75 -12.85 -1.49 -16.26
C TRP A 75 -12.87 -2.69 -17.21
N PRO A 76 -11.72 -3.28 -17.50
CA PRO A 76 -11.71 -4.56 -18.22
C PRO A 76 -12.12 -5.76 -17.41
N ARG A 77 -12.73 -6.68 -18.12
CA ARG A 77 -13.05 -8.08 -17.77
C ARG A 77 -12.00 -8.71 -16.93
N THR A 78 -10.74 -8.58 -17.37
CA THR A 78 -9.66 -9.35 -16.84
C THR A 78 -8.45 -8.45 -16.73
N ARG A 79 -7.49 -8.96 -15.96
CA ARG A 79 -6.19 -8.34 -15.81
C ARG A 79 -5.16 -9.44 -15.63
N THR A 80 -3.92 -9.15 -16.03
CA THR A 80 -2.82 -10.08 -15.84
C THR A 80 -2.14 -9.81 -14.51
N GLY A 81 -1.94 -10.86 -13.71
CA GLY A 81 -1.17 -10.73 -12.48
C GLY A 81 0.31 -10.66 -12.80
N THR A 82 0.97 -9.64 -12.26
CA THR A 82 2.39 -9.43 -12.50
C THR A 82 3.10 -9.20 -11.17
N GLY A 83 4.40 -9.48 -11.17
CA GLY A 83 5.19 -9.32 -9.95
C GLY A 83 4.69 -10.25 -8.87
N ILE A 84 4.42 -9.69 -7.68
CA ILE A 84 3.91 -10.47 -6.57
C ILE A 84 2.52 -11.05 -6.86
N LEU A 85 1.81 -10.51 -7.85
CA LEU A 85 0.53 -11.06 -8.28
C LEU A 85 0.66 -12.08 -9.40
N SER A 86 1.88 -12.42 -9.81
CA SER A 86 2.05 -13.40 -10.87
C SER A 86 1.94 -14.81 -10.30
N SER A 87 1.38 -15.71 -11.11
CA SER A 87 1.29 -17.12 -10.76
C SER A 87 2.42 -17.95 -11.33
N GLN A 88 3.39 -17.33 -11.99
CA GLN A 88 4.56 -18.04 -12.50
C GLN A 88 5.63 -18.06 -11.42
N PRO A 89 6.13 -19.22 -11.02
CA PRO A 89 7.18 -19.24 -9.99
C PRO A 89 8.45 -18.49 -10.38
N GLU A 90 8.76 -18.40 -11.69
CA GLU A 90 9.93 -17.66 -12.10
C GLU A 90 9.76 -16.16 -11.86
N GLU A 91 8.55 -15.64 -12.06
CA GLU A 91 8.29 -14.22 -11.84
C GLU A 91 8.00 -13.91 -10.37
N ASN A 92 7.46 -14.88 -9.64
CA ASN A 92 7.03 -14.68 -8.26
C ASN A 92 7.52 -15.85 -7.41
N PRO A 93 8.78 -15.82 -6.99
CA PRO A 93 9.29 -16.90 -6.13
C PRO A 93 8.59 -16.96 -4.78
N TYR A 94 7.90 -15.90 -4.39
CA TYR A 94 7.33 -15.80 -3.06
C TYR A 94 6.00 -16.55 -2.92
N TRP A 95 4.92 -16.01 -3.49
CA TRP A 95 3.61 -16.66 -3.43
C TRP A 95 2.98 -16.96 -4.78
N TRP A 96 3.73 -17.58 -5.70
CA TRP A 96 3.17 -17.84 -7.03
C TRP A 96 1.90 -18.70 -6.98
N ASN A 97 1.75 -19.53 -5.95
CA ASN A 97 0.62 -20.43 -5.87
C ASN A 97 -0.55 -19.88 -5.05
N ALA A 98 -0.49 -18.61 -4.65
CA ALA A 98 -1.52 -18.07 -3.77
C ALA A 98 -2.79 -17.72 -4.56
N ASN A 99 -3.89 -17.58 -3.82
CA ASN A 99 -5.09 -16.95 -4.38
C ASN A 99 -4.81 -15.47 -4.54
N MET A 100 -5.06 -14.93 -5.73
CA MET A 100 -4.62 -13.59 -6.11
C MET A 100 -5.83 -12.68 -6.21
N VAL A 101 -5.77 -11.53 -5.53
CA VAL A 101 -6.84 -10.53 -5.57
C VAL A 101 -6.22 -9.17 -5.81
N PHE A 102 -6.69 -8.48 -6.85
CA PHE A 102 -6.29 -7.12 -7.15
C PHE A 102 -7.51 -6.23 -6.97
N ILE A 103 -7.45 -5.29 -6.03
CA ILE A 103 -8.56 -4.41 -5.73
C ILE A 103 -8.27 -3.05 -6.39
N PRO A 104 -8.99 -2.68 -7.44
CA PRO A 104 -8.73 -1.40 -8.10
C PRO A 104 -9.01 -0.23 -7.15
N TYR A 105 -8.19 0.80 -7.28
CA TYR A 105 -8.31 2.02 -6.49
C TYR A 105 -9.23 2.97 -7.23
N CYS A 106 -10.46 3.14 -6.72
CA CYS A 106 -11.43 4.01 -7.36
C CYS A 106 -12.13 4.94 -6.37
N SER A 107 -11.50 5.18 -5.22
CA SER A 107 -12.07 6.03 -4.18
C SER A 107 -11.28 7.29 -3.92
N SER A 108 -10.06 7.42 -4.45
CA SER A 108 -9.29 8.66 -4.41
C SER A 108 -9.08 9.20 -2.98
N ASP A 109 -9.06 8.31 -1.99
CA ASP A 109 -9.05 8.69 -0.59
C ASP A 109 -7.95 7.98 0.20
N VAL A 110 -6.95 7.44 -0.49
CA VAL A 110 -5.85 6.69 0.10
C VAL A 110 -6.46 5.55 0.92
N TRP A 111 -7.59 5.03 0.45
CA TRP A 111 -8.26 3.87 1.05
C TRP A 111 -8.79 4.15 2.45
N SER A 112 -9.12 5.42 2.75
CA SER A 112 -9.52 5.79 4.11
C SER A 112 -10.98 6.20 4.23
N GLY A 113 -11.70 6.34 3.12
CA GLY A 113 -13.00 6.97 3.17
C GLY A 113 -14.12 6.03 3.60
N ALA A 114 -15.17 6.63 4.14
CA ALA A 114 -16.39 5.91 4.50
C ALA A 114 -17.59 6.85 4.35
N SER A 115 -17.71 7.47 3.17
CA SER A 115 -18.78 8.43 2.91
CA SER A 115 -18.76 8.44 2.90
C SER A 115 -19.36 8.17 1.54
N SER A 116 -20.69 8.12 1.47
CA SER A 116 -21.42 7.83 0.25
C SER A 116 -21.66 9.11 -0.54
N LYS A 117 -21.97 8.95 -1.83
CA LYS A 117 -22.61 10.05 -2.54
C LYS A 117 -23.96 10.34 -1.91
N SER A 118 -24.34 11.61 -1.91
CA SER A 118 -25.61 12.04 -1.36
C SER A 118 -26.00 13.34 -2.04
N GLU A 119 -27.13 13.89 -1.60
CA GLU A 119 -27.52 15.22 -2.06
C GLU A 119 -26.46 16.27 -1.72
N LYS A 120 -25.63 16.01 -0.72
CA LYS A 120 -24.60 16.93 -0.28
C LYS A 120 -23.20 16.57 -0.76
N ASN A 121 -23.03 15.42 -1.42
CA ASN A 121 -21.71 14.94 -1.81
C ASN A 121 -21.70 14.60 -3.29
N GLU A 122 -20.91 15.34 -4.07
CA GLU A 122 -20.74 15.02 -5.48
C GLU A 122 -20.13 13.64 -5.66
N TYR A 123 -19.20 13.26 -4.79
CA TYR A 123 -18.48 12.00 -4.92
C TYR A 123 -18.60 11.17 -3.66
N ALA A 124 -18.48 9.86 -3.83
CA ALA A 124 -18.39 8.92 -2.72
C ALA A 124 -16.92 8.58 -2.48
N PHE A 125 -16.53 8.56 -1.21
CA PHE A 125 -15.18 8.17 -0.80
C PHE A 125 -15.33 7.01 0.16
N MET A 126 -15.19 5.79 -0.37
CA MET A 126 -15.56 4.58 0.35
C MET A 126 -14.41 3.56 0.42
N GLY A 127 -13.17 4.03 0.31
CA GLY A 127 -12.04 3.10 0.23
C GLY A 127 -11.96 2.13 1.39
N ALA A 128 -12.19 2.62 2.61
CA ALA A 128 -12.14 1.72 3.77
C ALA A 128 -13.27 0.71 3.73
N LEU A 129 -14.43 1.11 3.23
CA LEU A 129 -15.57 0.19 3.12
C LEU A 129 -15.41 -0.77 1.95
N ILE A 130 -14.75 -0.33 0.87
CA ILE A 130 -14.47 -1.23 -0.25
C ILE A 130 -13.66 -2.43 0.21
N ILE A 131 -12.61 -2.17 0.99
CA ILE A 131 -11.78 -3.27 1.49
C ILE A 131 -12.59 -4.22 2.34
N GLN A 132 -13.43 -3.67 3.23
CA GLN A 132 -14.26 -4.51 4.09
C GLN A 132 -15.21 -5.36 3.27
N GLU A 133 -15.81 -4.78 2.24
CA GLU A 133 -16.81 -5.51 1.46
C GLU A 133 -16.15 -6.57 0.58
N VAL A 134 -14.97 -6.26 0.02
CA VAL A 134 -14.24 -7.26 -0.73
C VAL A 134 -13.92 -8.47 0.15
N VAL A 135 -13.42 -8.21 1.36
CA VAL A 135 -13.11 -9.30 2.28
C VAL A 135 -14.36 -10.12 2.59
N ARG A 136 -15.48 -9.43 2.85
CA ARG A 136 -16.72 -10.12 3.20
C ARG A 136 -17.21 -11.00 2.05
N GLU A 137 -17.18 -10.48 0.83
CA GLU A 137 -17.66 -11.26 -0.31
C GLU A 137 -16.69 -12.38 -0.68
N LEU A 138 -15.40 -12.20 -0.39
CA LEU A 138 -14.42 -13.26 -0.67
C LEU A 138 -14.59 -14.45 0.27
N LEU A 139 -15.13 -14.22 1.47
CA LEU A 139 -15.30 -15.31 2.43
C LEU A 139 -16.17 -16.43 1.85
N GLY A 140 -17.20 -16.07 1.11
CA GLY A 140 -18.00 -17.06 0.42
C GLY A 140 -17.34 -17.68 -0.80
N ARG A 141 -16.16 -17.21 -1.18
CA ARG A 141 -15.44 -17.71 -2.35
C ARG A 141 -14.17 -18.47 -1.99
N GLY A 142 -14.02 -18.87 -0.73
CA GLY A 142 -12.88 -19.65 -0.29
C GLY A 142 -12.00 -18.98 0.73
N LEU A 143 -12.13 -17.66 0.92
CA LEU A 143 -11.32 -16.98 1.92
C LEU A 143 -11.58 -17.52 3.32
N SER A 144 -12.77 -18.09 3.54
CA SER A 144 -13.09 -18.65 4.85
C SER A 144 -12.10 -19.74 5.27
N GLY A 145 -11.48 -20.41 4.29
CA GLY A 145 -10.53 -21.45 4.59
C GLY A 145 -9.09 -21.02 4.67
N ALA A 146 -8.80 -19.73 4.56
CA ALA A 146 -7.42 -19.25 4.47
C ALA A 146 -6.67 -19.46 5.77
N LYS A 147 -5.37 -19.70 5.65
CA LYS A 147 -4.46 -19.63 6.79
C LYS A 147 -3.85 -18.24 6.95
N VAL A 148 -3.56 -17.57 5.82
CA VAL A 148 -2.92 -16.26 5.83
C VAL A 148 -3.63 -15.37 4.82
N LEU A 149 -3.99 -14.16 5.24
CA LEU A 149 -4.47 -13.11 4.35
C LEU A 149 -3.41 -12.02 4.38
N LEU A 150 -2.69 -11.85 3.28
CA LEU A 150 -1.70 -10.79 3.16
C LEU A 150 -2.36 -9.62 2.44
N LEU A 151 -2.55 -8.51 3.16
CA LEU A 151 -3.05 -7.28 2.56
C LEU A 151 -1.85 -6.47 2.12
N ALA A 152 -1.66 -6.36 0.80
CA ALA A 152 -0.53 -5.67 0.21
C ALA A 152 -1.03 -4.49 -0.61
N GLY A 153 -0.11 -3.62 -0.99
CA GLY A 153 -0.48 -2.47 -1.79
C GLY A 153 0.73 -1.59 -2.06
N SER A 154 0.61 -0.80 -3.12
CA SER A 154 1.69 0.08 -3.56
C SER A 154 1.26 1.53 -3.59
N SER A 155 2.18 2.42 -3.20
CA SER A 155 1.97 3.86 -3.10
C SER A 155 0.76 4.22 -2.25
N ALA A 156 -0.27 4.82 -2.86
CA ALA A 156 -1.50 5.07 -2.11
C ALA A 156 -2.05 3.78 -1.50
N GLY A 157 -1.89 2.65 -2.19
CA GLY A 157 -2.29 1.38 -1.62
C GLY A 157 -1.37 0.90 -0.52
N GLY A 158 -0.09 1.30 -0.56
CA GLY A 158 0.81 0.97 0.53
C GLY A 158 0.42 1.67 1.82
N THR A 159 0.13 2.97 1.74
CA THR A 159 -0.42 3.67 2.89
C THR A 159 -1.77 3.07 3.29
N GLY A 160 -2.57 2.68 2.30
CA GLY A 160 -3.83 2.03 2.57
C GLY A 160 -3.71 0.75 3.39
N VAL A 161 -2.63 -0.01 3.17
CA VAL A 161 -2.37 -1.19 3.99
C VAL A 161 -2.22 -0.79 5.45
N LEU A 162 -1.38 0.21 5.71
CA LEU A 162 -1.15 0.65 7.08
C LEU A 162 -2.43 1.15 7.73
N LEU A 163 -3.31 1.78 6.96
CA LEU A 163 -4.55 2.31 7.50
C LEU A 163 -5.64 1.25 7.69
N ASN A 164 -5.51 0.10 7.03
CA ASN A 164 -6.61 -0.86 7.00
C ASN A 164 -6.29 -2.26 7.51
N VAL A 165 -5.02 -2.62 7.68
CA VAL A 165 -4.69 -4.01 8.00
C VAL A 165 -5.33 -4.44 9.33
N ASP A 166 -5.30 -3.56 10.33
CA ASP A 166 -5.87 -3.93 11.62
C ASP A 166 -7.39 -3.98 11.59
N ARG A 167 -8.03 -3.16 10.74
CA ARG A 167 -9.48 -3.25 10.63
C ARG A 167 -9.91 -4.55 9.94
N VAL A 168 -9.12 -5.02 8.98
CA VAL A 168 -9.41 -6.31 8.35
C VAL A 168 -9.29 -7.43 9.37
N ALA A 169 -8.23 -7.40 10.18
CA ALA A 169 -8.09 -8.39 11.25
C ALA A 169 -9.27 -8.31 12.21
N GLU A 170 -9.77 -7.10 12.45
CA GLU A 170 -10.88 -6.93 13.39
C GLU A 170 -12.19 -7.49 12.84
N GLN A 171 -12.49 -7.24 11.56
CA GLN A 171 -13.77 -7.75 11.06
C GLN A 171 -13.76 -9.27 10.97
N LEU A 172 -12.61 -9.85 10.61
CA LEU A 172 -12.54 -11.30 10.51
C LEU A 172 -12.75 -11.95 11.87
N GLU A 173 -12.22 -11.32 12.93
CA GLU A 173 -12.51 -11.80 14.28
C GLU A 173 -13.98 -11.61 14.63
N LYS A 174 -14.54 -10.44 14.32
CA LYS A 174 -15.96 -10.21 14.60
C LYS A 174 -16.86 -11.08 13.74
N LEU A 175 -16.43 -11.42 12.53
CA LEU A 175 -17.24 -12.27 11.67
C LEU A 175 -17.13 -13.75 12.02
N GLY A 176 -16.25 -14.12 12.94
CA GLY A 176 -16.12 -15.50 13.36
C GLY A 176 -15.05 -16.30 12.68
N TYR A 177 -14.00 -15.66 12.16
CA TYR A 177 -12.88 -16.34 11.52
C TYR A 177 -11.58 -15.95 12.23
N PRO A 178 -11.38 -16.42 13.47
CA PRO A 178 -10.15 -16.07 14.19
C PRO A 178 -8.93 -16.84 13.73
N ALA A 179 -9.10 -17.88 12.92
CA ALA A 179 -7.97 -18.69 12.46
C ALA A 179 -7.17 -18.03 11.34
N ILE A 180 -7.76 -17.06 10.64
CA ILE A 180 -7.08 -16.40 9.52
C ILE A 180 -6.06 -15.40 10.08
N GLN A 181 -4.79 -15.57 9.73
CA GLN A 181 -3.73 -14.66 10.14
C GLN A 181 -3.65 -13.52 9.14
N VAL A 182 -3.97 -12.31 9.57
CA VAL A 182 -3.95 -11.14 8.72
C VAL A 182 -2.61 -10.42 8.88
N ARG A 183 -1.95 -10.15 7.76
CA ARG A 183 -0.67 -9.47 7.74
C ARG A 183 -0.70 -8.41 6.64
N GLY A 184 0.24 -7.47 6.72
CA GLY A 184 0.31 -6.37 5.79
C GLY A 184 1.65 -6.29 5.08
N LEU A 185 1.61 -5.83 3.83
CA LEU A 185 2.81 -5.56 3.04
C LEU A 185 2.61 -4.18 2.41
N ALA A 186 3.29 -3.17 2.97
CA ALA A 186 3.14 -1.78 2.54
C ALA A 186 4.32 -1.42 1.65
N ASP A 187 4.06 -1.25 0.36
CA ASP A 187 5.10 -0.94 -0.63
C ASP A 187 4.97 0.52 -1.04
N SER A 188 6.06 1.27 -0.87
CA SER A 188 6.16 2.64 -1.38
C SER A 188 5.08 3.56 -0.79
N GLY A 189 4.68 3.33 0.45
CA GLY A 189 3.69 4.15 1.11
C GLY A 189 4.17 4.72 2.43
N TRP A 190 5.49 4.76 2.62
CA TRP A 190 6.13 5.13 3.88
C TRP A 190 6.83 6.47 3.66
N PHE A 191 6.18 7.56 4.08
CA PHE A 191 6.62 8.91 3.73
C PHE A 191 7.03 9.70 4.96
N LEU A 192 7.79 10.76 4.70
CA LEU A 192 8.25 11.68 5.74
C LEU A 192 7.58 13.02 5.54
N ASP A 193 7.05 13.58 6.64
CA ASP A 193 6.50 14.92 6.63
C ASP A 193 7.62 15.93 6.93
N ASN A 194 8.55 16.01 5.98
CA ASN A 194 9.74 16.83 6.11
C ASN A 194 9.56 18.17 5.42
N LYS A 195 10.59 19.01 5.51
CA LYS A 195 10.60 20.28 4.79
C LYS A 195 11.00 20.04 3.34
N GLN A 196 10.36 20.78 2.44
CA GLN A 196 10.76 20.72 1.04
C GLN A 196 12.15 21.31 0.85
N TYR A 197 12.83 20.85 -0.19
CA TYR A 197 14.11 21.44 -0.55
C TYR A 197 13.93 22.88 -1.04
N ARG A 198 12.86 23.13 -1.78
CA ARG A 198 12.57 24.45 -2.29
C ARG A 198 11.05 24.61 -2.33
N HIS A 199 10.57 25.77 -1.89
CA HIS A 199 9.14 26.04 -1.91
C HIS A 199 8.86 27.36 -2.61
N THR A 211 0.98 17.63 3.64
CA THR A 211 0.20 17.54 4.86
C THR A 211 -1.11 18.33 4.77
N GLU A 212 -1.07 19.49 4.11
CA GLU A 212 -2.28 20.30 4.04
C GLU A 212 -3.30 19.72 3.07
N ALA A 213 -2.83 19.19 1.93
CA ALA A 213 -3.74 18.49 1.02
C ALA A 213 -4.36 17.28 1.70
N ILE A 214 -3.57 16.55 2.48
CA ILE A 214 -4.09 15.36 3.16
C ILE A 214 -5.07 15.75 4.27
N ARG A 215 -4.69 16.74 5.08
CA ARG A 215 -5.61 17.24 6.11
C ARG A 215 -6.92 17.71 5.50
N ARG A 216 -6.87 18.52 4.44
CA ARG A 216 -8.09 18.83 3.68
C ARG A 216 -8.72 17.60 3.04
N GLY A 217 -7.93 16.63 2.62
CA GLY A 217 -8.51 15.42 2.04
C GLY A 217 -9.37 14.66 3.05
N ILE A 218 -8.84 14.49 4.26
CA ILE A 218 -9.52 13.69 5.29
C ILE A 218 -10.88 14.28 5.64
N ARG A 219 -10.96 15.61 5.77
CA ARG A 219 -12.25 16.23 6.02
C ARG A 219 -13.20 16.04 4.85
N TYR A 220 -12.67 16.11 3.63
CA TYR A 220 -13.49 15.97 2.43
C TYR A 220 -14.01 14.54 2.27
N TRP A 221 -13.23 13.54 2.68
CA TRP A 221 -13.61 12.15 2.50
C TRP A 221 -14.34 11.57 3.69
N ASN A 222 -14.37 12.27 4.83
CA ASN A 222 -14.71 11.65 6.11
C ASN A 222 -13.78 10.47 6.37
N GLY A 223 -12.47 10.74 6.24
CA GLY A 223 -11.50 9.66 6.31
C GLY A 223 -11.36 9.10 7.71
N VAL A 224 -11.04 7.81 7.76
CA VAL A 224 -10.88 7.10 9.02
C VAL A 224 -9.46 6.54 9.11
N VAL A 225 -8.91 6.57 10.32
CA VAL A 225 -7.56 6.09 10.57
C VAL A 225 -7.66 5.01 11.64
N PRO A 226 -6.63 4.17 11.78
CA PRO A 226 -6.68 3.12 12.82
C PRO A 226 -6.92 3.70 14.21
N GLU A 227 -7.63 2.93 15.03
CA GLU A 227 -8.19 3.46 16.28
C GLU A 227 -7.10 3.87 17.27
N ARG A 228 -6.07 3.04 17.45
CA ARG A 228 -5.01 3.40 18.39
C ARG A 228 -4.27 4.67 17.96
N CYS A 229 -3.96 4.77 16.67
CA CYS A 229 -3.32 5.98 16.17
C CYS A 229 -4.24 7.19 16.35
N ARG A 230 -5.53 7.02 16.07
CA ARG A 230 -6.48 8.12 16.23
C ARG A 230 -6.53 8.61 17.67
N ARG A 231 -6.44 7.69 18.64
CA ARG A 231 -6.50 8.07 20.04
C ARG A 231 -5.22 8.75 20.52
N GLN A 232 -4.08 8.48 19.87
CA GLN A 232 -2.86 9.20 20.25
C GLN A 232 -2.90 10.64 19.75
N PHE A 233 -3.25 10.83 18.49
CA PHE A 233 -3.13 12.14 17.85
C PHE A 233 -4.38 12.99 18.02
N GLN A 234 -5.54 12.34 18.18
CA GLN A 234 -6.79 12.98 18.54
C GLN A 234 -7.38 13.92 17.49
N GLU A 235 -8.43 14.63 17.88
CA GLU A 235 -9.32 15.30 16.94
C GLU A 235 -8.56 16.35 16.14
N GLY A 236 -8.75 16.33 14.82
CA GLY A 236 -8.12 17.27 13.92
C GLY A 236 -6.70 16.94 13.55
N GLU A 237 -6.09 15.92 14.16
CA GLU A 237 -4.71 15.56 13.90
C GLU A 237 -4.57 14.17 13.28
N GLU A 238 -5.66 13.65 12.71
CA GLU A 238 -5.64 12.30 12.14
C GLU A 238 -4.71 12.19 10.94
N TRP A 239 -4.34 13.31 10.32
CA TRP A 239 -3.40 13.28 9.19
C TRP A 239 -2.08 12.63 9.59
N ASN A 240 -1.71 12.71 10.86
CA ASN A 240 -0.46 12.09 11.31
C ASN A 240 -0.44 10.60 11.02
N CYS A 241 -1.60 9.95 11.05
CA CYS A 241 -1.68 8.51 10.86
C CYS A 241 -1.48 8.08 9.42
N PHE A 242 -1.38 9.03 8.48
CA PHE A 242 -1.02 8.71 7.11
C PHE A 242 0.49 8.58 6.91
N PHE A 243 1.27 8.83 7.94
CA PHE A 243 2.72 8.75 7.86
C PHE A 243 3.18 7.48 8.55
N GLY A 244 3.83 6.59 7.79
CA GLY A 244 4.11 5.25 8.26
C GLY A 244 4.80 5.21 9.61
N TYR A 245 5.83 6.05 9.79
CA TYR A 245 6.58 6.00 11.03
C TYR A 245 5.76 6.40 12.26
N LYS A 246 4.61 7.06 12.06
CA LYS A 246 3.73 7.38 13.17
C LYS A 246 2.61 6.37 13.37
N VAL A 247 2.09 5.77 12.29
CA VAL A 247 1.01 4.80 12.44
C VAL A 247 1.52 3.39 12.68
N TYR A 248 2.66 3.01 12.10
CA TYR A 248 3.21 1.66 12.25
C TYR A 248 3.31 1.18 13.69
N PRO A 249 3.91 1.93 14.63
CA PRO A 249 4.02 1.40 16.00
C PRO A 249 2.70 1.17 16.68
N THR A 250 1.59 1.72 16.16
CA THR A 250 0.28 1.49 16.78
C THR A 250 -0.39 0.22 16.28
N LEU A 251 0.19 -0.45 15.28
CA LEU A 251 -0.46 -1.57 14.63
C LEU A 251 -0.14 -2.88 15.34
N ARG A 252 -1.13 -3.78 15.35
CA ARG A 252 -0.97 -5.12 15.91
C ARG A 252 -0.61 -6.18 14.87
N SER A 253 -1.19 -6.12 13.68
CA SER A 253 -0.90 -7.13 12.66
C SER A 253 0.56 -6.99 12.20
N PRO A 254 1.20 -8.10 11.86
CA PRO A 254 2.55 -8.02 11.28
C PRO A 254 2.51 -7.27 9.95
N VAL A 255 3.43 -6.32 9.78
CA VAL A 255 3.51 -5.50 8.57
C VAL A 255 4.95 -5.48 8.08
N PHE A 256 5.16 -5.89 6.84
CA PHE A 256 6.44 -5.78 6.15
C PHE A 256 6.44 -4.49 5.33
N VAL A 257 7.48 -3.68 5.48
CA VAL A 257 7.55 -2.36 4.86
C VAL A 257 8.60 -2.39 3.75
N VAL A 258 8.18 -2.04 2.53
CA VAL A 258 9.08 -1.87 1.39
C VAL A 258 9.09 -0.39 1.03
N GLN A 259 10.28 0.21 0.99
CA GLN A 259 10.37 1.64 0.72
C GLN A 259 11.74 1.97 0.16
N TRP A 260 11.79 2.56 -1.04
CA TRP A 260 13.04 3.13 -1.53
C TRP A 260 13.50 4.24 -0.60
N LEU A 261 14.81 4.28 -0.32
CA LEU A 261 15.34 5.35 0.51
C LEU A 261 15.17 6.70 -0.16
N PHE A 262 15.17 6.74 -1.49
CA PHE A 262 14.99 7.97 -2.24
C PHE A 262 13.78 7.83 -3.16
N ASP A 263 12.61 7.68 -2.56
CA ASP A 263 11.39 7.46 -3.32
C ASP A 263 11.08 8.68 -4.17
N GLU A 264 10.75 8.45 -5.45
CA GLU A 264 10.53 9.58 -6.36
C GLU A 264 9.35 10.43 -5.94
N ALA A 265 8.30 9.81 -5.40
CA ALA A 265 7.15 10.61 -4.95
C ALA A 265 7.53 11.48 -3.76
N GLN A 266 8.34 10.95 -2.85
CA GLN A 266 8.86 11.76 -1.75
C GLN A 266 9.67 12.95 -2.28
N LEU A 267 10.57 12.69 -3.22
CA LEU A 267 11.37 13.79 -3.78
C LEU A 267 10.52 14.76 -4.58
N THR A 268 9.46 14.28 -5.24
CA THR A 268 8.59 15.19 -5.98
C THR A 268 7.87 16.15 -5.05
N VAL A 269 7.26 15.64 -3.98
CA VAL A 269 6.61 16.52 -3.01
C VAL A 269 7.62 17.42 -2.30
N ASP A 270 8.88 17.01 -2.25
CA ASP A 270 9.95 17.82 -1.68
C ASP A 270 10.53 18.81 -2.69
N ASN A 271 10.00 18.84 -3.91
CA ASN A 271 10.47 19.74 -4.96
C ASN A 271 11.92 19.49 -5.34
N VAL A 272 12.26 18.21 -5.53
CA VAL A 272 13.58 17.80 -5.98
C VAL A 272 13.40 17.06 -7.29
N HIS A 273 14.08 17.54 -8.33
CA HIS A 273 14.17 16.84 -9.61
C HIS A 273 15.61 16.88 -10.07
N LEU A 274 16.18 15.70 -10.35
CA LEU A 274 17.58 15.61 -10.70
C LEU A 274 17.79 15.74 -12.21
N PRO A 278 24.81 18.66 -12.62
CA PRO A 278 25.55 18.36 -11.39
C PRO A 278 24.87 18.89 -10.13
N VAL A 279 24.97 18.14 -9.04
CA VAL A 279 24.29 18.45 -7.78
C VAL A 279 25.25 19.25 -6.90
N GLN A 280 24.79 20.41 -6.45
CA GLN A 280 25.61 21.25 -5.59
C GLN A 280 25.37 20.90 -4.11
N GLU A 281 26.16 21.53 -3.23
CA GLU A 281 26.27 21.04 -1.86
C GLU A 281 24.95 21.09 -1.10
N GLY A 282 24.16 22.13 -1.33
CA GLY A 282 22.88 22.22 -0.63
C GLY A 282 21.96 21.06 -0.94
N LEU A 283 21.84 20.72 -2.23
CA LEU A 283 20.99 19.61 -2.62
C LEU A 283 21.60 18.26 -2.23
N ARG A 284 22.93 18.15 -2.31
CA ARG A 284 23.59 16.92 -1.88
C ARG A 284 23.29 16.63 -0.42
N LEU A 285 23.44 17.64 0.45
CA LEU A 285 23.17 17.45 1.87
C LEU A 285 21.69 17.13 2.10
N TYR A 286 20.79 17.78 1.35
CA TYR A 286 19.37 17.50 1.51
C TYR A 286 19.05 16.05 1.17
N ILE A 287 19.55 15.57 0.03
CA ILE A 287 19.26 14.20 -0.40
C ILE A 287 19.87 13.20 0.58
N GLN A 288 21.09 13.47 1.05
CA GLN A 288 21.74 12.56 1.99
C GLN A 288 21.00 12.52 3.32
N ASN A 289 20.54 13.68 3.80
N ASN A 289 20.55 13.68 3.80
CA ASN A 289 19.80 13.70 5.05
CA ASN A 289 19.79 13.71 5.06
C ASN A 289 18.45 12.99 4.92
C ASN A 289 18.45 13.00 4.91
N LEU A 290 17.82 13.08 3.74
CA LEU A 290 16.54 12.39 3.54
C LEU A 290 16.71 10.88 3.62
N GLY A 291 17.77 10.35 2.99
CA GLY A 291 18.04 8.93 3.10
C GLY A 291 18.31 8.50 4.53
N ARG A 292 19.04 9.33 5.28
CA ARG A 292 19.32 9.00 6.68
C ARG A 292 18.04 9.04 7.52
N GLU A 293 17.13 9.96 7.21
CA GLU A 293 15.88 10.08 7.96
C GLU A 293 14.98 8.85 7.74
N LEU A 294 14.56 8.61 6.50
CA LEU A 294 14.27 7.22 6.07
C LEU A 294 14.91 6.03 6.76
N ARG A 295 16.23 5.90 6.68
CA ARG A 295 16.88 4.78 7.34
C ARG A 295 16.54 4.77 8.82
N HIS A 296 16.48 5.95 9.46
CA HIS A 296 16.23 6.03 10.89
C HIS A 296 14.82 5.57 11.24
N THR A 297 13.81 5.95 10.45
CA THR A 297 12.43 5.57 10.75
C THR A 297 12.20 4.07 10.63
N LEU A 298 13.09 3.36 9.94
CA LEU A 298 12.96 1.92 9.76
C LEU A 298 13.80 1.13 10.75
N LYS A 299 14.54 1.81 11.64
CA LYS A 299 15.44 1.12 12.56
C LYS A 299 14.70 0.08 13.40
N ASP A 300 13.50 0.42 13.88
CA ASP A 300 12.69 -0.49 14.69
C ASP A 300 11.55 -1.13 13.91
N VAL A 301 11.71 -1.28 12.60
CA VAL A 301 10.77 -2.04 11.78
C VAL A 301 11.45 -3.35 11.42
N PRO A 302 11.15 -4.44 12.13
CA PRO A 302 11.95 -5.67 11.95
C PRO A 302 11.84 -6.30 10.58
N ALA A 303 10.71 -6.16 9.90
CA ALA A 303 10.51 -6.74 8.58
C ALA A 303 10.44 -5.58 7.59
N SER A 304 11.55 -5.31 6.91
CA SER A 304 11.60 -4.18 6.00
C SER A 304 12.63 -4.43 4.90
N PHE A 305 12.42 -3.74 3.78
CA PHE A 305 13.28 -3.85 2.60
C PHE A 305 13.37 -2.44 2.03
N ALA A 306 14.54 -1.81 2.20
CA ALA A 306 14.71 -0.39 1.89
C ALA A 306 16.00 -0.17 1.11
N PRO A 307 15.96 -0.33 -0.21
CA PRO A 307 17.17 -0.14 -1.02
C PRO A 307 17.46 1.32 -1.26
N ALA A 308 18.76 1.62 -1.37
CA ALA A 308 19.22 3.00 -1.61
C ALA A 308 19.12 3.32 -3.10
N CYS A 309 17.89 3.51 -3.56
CA CYS A 309 17.59 3.79 -4.95
C CYS A 309 16.66 4.97 -5.10
N LEU A 310 16.85 5.73 -6.18
CA LEU A 310 15.89 6.69 -6.68
C LEU A 310 14.96 5.98 -7.64
N SER A 311 13.71 5.79 -7.25
CA SER A 311 12.81 4.97 -8.06
C SER A 311 11.37 5.23 -7.67
N HIS A 312 10.47 4.94 -8.62
CA HIS A 312 9.05 4.84 -8.36
C HIS A 312 8.53 3.42 -8.62
N GLU A 313 9.43 2.46 -8.83
CA GLU A 313 9.01 1.10 -9.18
C GLU A 313 8.35 0.41 -7.99
N ILE A 314 7.38 -0.45 -8.29
CA ILE A 314 6.56 -1.09 -7.29
C ILE A 314 6.58 -2.60 -7.46
N ILE A 315 6.03 -3.30 -6.45
CA ILE A 315 6.21 -4.75 -6.32
C ILE A 315 5.36 -5.56 -7.28
N ILE A 316 4.48 -4.94 -8.06
CA ILE A 316 3.72 -5.66 -9.08
C ILE A 316 4.40 -5.61 -10.45
N ARG A 317 5.60 -5.06 -10.54
CA ARG A 317 6.32 -5.09 -11.80
C ARG A 317 6.99 -6.46 -11.99
N SER A 318 7.11 -6.87 -13.25
CA SER A 318 7.53 -8.23 -13.57
C SER A 318 8.94 -8.53 -13.04
N HIS A 319 9.82 -7.53 -13.02
CA HIS A 319 11.20 -7.72 -12.64
C HIS A 319 11.47 -7.32 -11.19
N TRP A 320 10.45 -7.39 -10.34
CA TRP A 320 10.61 -7.04 -8.93
C TRP A 320 11.61 -7.93 -8.22
N THR A 321 11.97 -9.07 -8.82
CA THR A 321 12.88 -10.02 -8.20
C THR A 321 14.33 -9.56 -8.24
N ASP A 322 14.66 -8.55 -9.04
CA ASP A 322 16.05 -8.28 -9.36
C ASP A 322 16.78 -7.49 -8.28
N VAL A 323 16.08 -6.61 -7.55
CA VAL A 323 16.73 -5.77 -6.56
C VAL A 323 17.14 -6.62 -5.36
N GLN A 324 18.34 -6.35 -4.83
CA GLN A 324 18.81 -7.02 -3.63
C GLN A 324 19.38 -6.00 -2.66
N VAL A 325 19.20 -6.27 -1.37
CA VAL A 325 19.82 -5.52 -0.29
C VAL A 325 20.67 -6.49 0.51
N LYS A 326 21.96 -6.18 0.66
CA LYS A 326 22.90 -7.06 1.35
C LYS A 326 22.89 -8.47 0.75
N GLY A 327 22.61 -8.57 -0.55
CA GLY A 327 22.60 -9.85 -1.23
C GLY A 327 21.30 -10.62 -1.18
N THR A 328 20.25 -10.06 -0.61
CA THR A 328 18.97 -10.75 -0.45
C THR A 328 17.91 -10.00 -1.23
N SER A 329 17.15 -10.73 -2.05
CA SER A 329 16.07 -10.14 -2.83
C SER A 329 14.83 -9.97 -1.96
N LEU A 330 13.87 -9.20 -2.47
CA LEU A 330 12.63 -9.00 -1.73
C LEU A 330 11.81 -10.29 -1.65
N PRO A 331 11.65 -11.06 -2.74
CA PRO A 331 10.96 -12.36 -2.60
C PRO A 331 11.57 -13.25 -1.53
N ARG A 332 12.90 -13.26 -1.41
CA ARG A 332 13.53 -14.04 -0.35
C ARG A 332 13.19 -13.46 1.02
N ALA A 333 13.33 -12.14 1.17
CA ALA A 333 13.02 -11.51 2.45
C ALA A 333 11.59 -11.79 2.88
N LEU A 334 10.64 -11.76 1.94
CA LEU A 334 9.26 -12.05 2.27
C LEU A 334 9.09 -13.51 2.69
N HIS A 335 9.81 -14.42 2.04
CA HIS A 335 9.77 -15.82 2.44
C HIS A 335 10.36 -16.00 3.84
N CYS A 336 11.46 -15.29 4.12
CA CYS A 336 12.03 -15.35 5.46
C CYS A 336 11.06 -14.80 6.49
N TRP A 337 10.33 -13.75 6.13
CA TRP A 337 9.29 -13.21 6.98
C TRP A 337 8.22 -14.27 7.27
N ASP A 338 7.79 -14.99 6.24
CA ASP A 338 6.85 -16.09 6.42
C ASP A 338 7.38 -17.09 7.45
N ARG A 339 8.65 -17.49 7.30
CA ARG A 339 9.25 -18.44 8.23
C ARG A 339 9.29 -17.88 9.64
N SER A 340 9.59 -16.58 9.77
CA SER A 340 9.68 -15.97 11.10
C SER A 340 8.34 -16.01 11.82
N LEU A 341 7.24 -16.01 11.08
CA LEU A 341 5.91 -15.99 11.66
C LEU A 341 5.31 -17.37 11.88
N HIS A 342 6.09 -18.44 11.68
CA HIS A 342 5.65 -19.77 12.12
C HIS A 342 5.58 -19.81 13.65
N THR A 350 13.85 -14.17 17.44
CA THR A 350 15.04 -14.97 17.17
C THR A 350 15.26 -15.10 15.67
N PRO A 351 16.34 -14.51 15.17
CA PRO A 351 16.57 -14.47 13.72
C PRO A 351 16.97 -15.83 13.17
N LEU A 352 16.72 -16.01 11.88
CA LEU A 352 16.98 -17.27 11.19
C LEU A 352 18.33 -17.20 10.49
N LYS A 353 19.07 -18.30 10.55
CA LYS A 353 20.37 -18.36 9.89
C LYS A 353 20.21 -18.20 8.39
N GLY A 354 20.89 -17.20 7.84
CA GLY A 354 20.95 -16.99 6.40
C GLY A 354 19.67 -16.58 5.74
N CYS A 355 18.66 -16.13 6.47
CA CYS A 355 17.37 -15.83 5.88
C CYS A 355 16.83 -14.58 6.59
N PRO A 356 17.34 -13.41 6.22
CA PRO A 356 17.06 -12.18 6.97
C PRO A 356 15.75 -11.52 6.55
N VAL A 357 15.24 -10.69 7.46
CA VAL A 357 14.00 -9.97 7.24
C VAL A 357 14.15 -8.45 7.34
N HIS A 358 15.19 -7.94 7.98
CA HIS A 358 15.43 -6.50 8.12
C HIS A 358 16.57 -6.13 7.17
N LEU A 359 16.23 -5.51 6.05
CA LEU A 359 17.18 -5.25 4.96
C LEU A 359 17.09 -3.78 4.57
N VAL A 360 17.90 -2.95 5.22
CA VAL A 360 17.91 -1.51 4.99
C VAL A 360 19.31 -1.12 4.57
N ASP A 361 19.42 -0.51 3.39
CA ASP A 361 20.72 -0.08 2.90
C ASP A 361 21.29 1.01 3.80
N SER A 362 22.61 0.99 3.97
CA SER A 362 23.30 1.98 4.77
C SER A 362 24.10 2.98 3.94
N CYS A 363 24.27 2.73 2.64
CA CYS A 363 25.03 3.64 1.81
C CYS A 363 24.18 4.86 1.45
N PRO A 364 24.80 6.03 1.29
CA PRO A 364 24.06 7.31 1.46
C PRO A 364 23.60 8.00 0.18
N TRP A 365 23.73 7.41 -1.00
CA TRP A 365 23.42 8.13 -2.22
C TRP A 365 22.64 7.25 -3.18
N PRO A 366 21.68 7.83 -3.94
CA PRO A 366 20.95 7.04 -4.94
C PRO A 366 21.84 6.17 -5.81
N HIS A 367 21.57 4.86 -5.75
CA HIS A 367 22.07 3.84 -6.66
C HIS A 367 23.49 3.45 -6.28
N CYS A 368 23.87 3.77 -5.04
CA CYS A 368 25.02 3.12 -4.41
CA CYS A 368 25.02 3.12 -4.41
C CYS A 368 24.81 1.62 -4.33
N ASN A 369 23.56 1.17 -4.32
CA ASN A 369 23.26 -0.25 -4.40
C ASN A 369 23.29 -0.62 -5.89
N PRO A 370 24.18 -1.51 -6.32
CA PRO A 370 24.31 -1.77 -7.76
C PRO A 370 23.07 -2.39 -8.39
N SER A 371 22.17 -2.97 -7.60
CA SER A 371 21.01 -3.67 -8.13
C SER A 371 19.78 -2.77 -8.27
N CYS A 372 19.93 -1.46 -8.10
CA CYS A 372 18.80 -0.55 -8.23
C CYS A 372 18.24 -0.65 -9.66
N PRO A 373 16.92 -0.46 -9.82
CA PRO A 373 16.34 -0.49 -11.16
C PRO A 373 16.96 0.58 -12.04
N THR A 374 17.16 0.24 -13.30
CA THR A 374 17.79 1.14 -14.25
C THR A 374 16.72 1.98 -14.95
S SO4 B . -5.26 0.25 23.77
O1 SO4 B . -5.01 -0.35 25.08
O2 SO4 B . -5.71 -0.78 22.84
O3 SO4 B . -6.28 1.28 23.89
O4 SO4 B . -4.03 0.85 23.27
S SO4 C . 15.38 -21.19 2.88
O1 SO4 C . 16.70 -20.74 3.32
O2 SO4 C . 15.42 -22.63 2.66
O3 SO4 C . 15.03 -20.53 1.63
O4 SO4 C . 14.39 -20.86 3.89
S SO4 D . -18.79 18.61 -3.40
O1 SO4 D . -19.97 17.89 -2.92
O2 SO4 D . -17.84 17.65 -3.96
O3 SO4 D . -19.20 19.55 -4.44
O4 SO4 D . -18.17 19.34 -2.30
S SO4 E . -11.62 1.22 13.78
O1 SO4 E . -12.39 0.30 12.94
O2 SO4 E . -10.70 0.45 14.63
O3 SO4 E . -12.52 2.00 14.61
O4 SO4 E . -10.84 2.12 12.93
S SO4 F . -18.64 -16.41 -10.82
O1 SO4 F . -17.20 -16.32 -10.74
O2 SO4 F . -19.07 -17.71 -10.32
O3 SO4 F . -19.08 -16.25 -12.20
O4 SO4 F . -19.23 -15.35 -9.99
S DMS G . 4.25 -20.34 -3.11
O DMS G . 2.85 -19.91 -3.43
C1 DMS G . 4.46 -20.43 -1.31
C2 DMS G . 4.43 -22.10 -3.53
S DMS H . 4.36 -4.74 13.32
O DMS H . 4.92 -5.69 12.31
C1 DMS H . 3.11 -3.68 12.54
C2 DMS H . 3.34 -5.64 14.52
S DMS I . 21.76 -1.51 9.40
O DMS I . 20.69 -1.17 8.42
C1 DMS I . 21.54 -3.22 9.97
C2 DMS I . 23.35 -1.66 8.54
C1 EDO J . -2.86 -6.22 -11.85
O1 EDO J . -3.04 -6.77 -13.16
C2 EDO J . -1.38 -5.93 -11.63
O2 EDO J . -0.64 -7.15 -11.76
C1 EDO K . 9.01 2.39 14.04
O1 EDO K . 8.22 2.41 15.23
C2 EDO K . 8.62 3.57 13.15
O2 EDO K . 8.78 4.79 13.87
C1 EDO L . -5.03 14.64 -12.07
O1 EDO L . -6.06 15.39 -11.42
C2 EDO L . -4.70 15.29 -13.41
O2 EDO L . -5.89 15.40 -14.18
C17 SWT M . 2.81 8.63 -3.47
C01 SWT M . 1.34 10.96 3.41
C02 SWT M . 0.77 10.42 2.10
C03 SWT M . 0.47 9.06 1.98
C04 SWT M . -0.05 8.57 0.80
C05 SWT M . -0.27 9.42 -0.28
C06 SWT M . 0.03 10.77 -0.15
C07 SWT M . 0.55 11.26 1.03
C09 SWT M . 0.45 8.53 -2.97
C12 SWT M . 1.22 7.31 -6.44
C16 SWT M . 2.52 8.12 -4.73
C18 SWT M . 1.77 8.85 -2.58
N10 SWT M . 0.19 8.03 -4.19
N11 SWT M . 1.24 7.83 -5.07
N14 SWT M . 2.55 7.30 -6.92
N15 SWT M . 3.37 7.78 -5.90
O13 SWT M . 0.25 6.97 -7.03
S08 SWT M . -0.94 8.79 -1.83
C1 EDO N . 11.19 -3.60 -4.62
O1 EDO N . 10.06 -3.29 -5.45
C2 EDO N . 11.72 -4.97 -5.01
O2 EDO N . 12.26 -4.93 -6.33
S SO4 O . 17.61 -9.83 10.07
O1 SO4 O . 16.28 -10.37 10.35
O2 SO4 O . 18.53 -10.95 9.95
O3 SO4 O . 17.59 -9.07 8.82
O4 SO4 O . 18.02 -8.95 11.16
S SO4 P . 11.18 -23.55 8.90
O1 SO4 P . 10.17 -24.40 9.52
O2 SO4 P . 12.51 -24.11 9.16
O3 SO4 P . 10.95 -23.48 7.46
O4 SO4 P . 11.09 -22.21 9.47
#